data_5I3L
#
_entry.id   5I3L
#
_cell.length_a   99.822
_cell.length_b   121.641
_cell.length_c   56.446
_cell.angle_alpha   90.000
_cell.angle_beta   90.000
_cell.angle_gamma   90.000
#
_symmetry.space_group_name_H-M   'C 2 2 21'
#
loop_
_entity.id
_entity.type
_entity.pdbx_description
1 polymer 'Zinc finger protein DPF3'
2 polymer 'H3K14ac peptide'
3 non-polymer 'ZINC ION'
4 non-polymer 1,2-ETHANEDIOL
5 non-polymer 'UNKNOWN ATOM OR ION'
6 non-polymer 'SODIUM ION'
7 water water
#
loop_
_entity_poly.entity_id
_entity_poly.type
_entity_poly.pdbx_seq_one_letter_code
_entity_poly.pdbx_strand_id
1 'polypeptide(L)'
;GTVIPNNYCDFCLGGSNMNKKSGRPEELVSCADCGRSGHPTCLQFTLNMTEAVKTYKWQCIECKSCILCGTSENDDQLLF
CDDCDRGYHMYCLNPPVAEPPEGSWSCHLCWELLK
;
A,B
2 'polypeptide(L)' ARTKQTARKSTGG(ALY)APRKQL(NH2) C
#
loop_
_chem_comp.id
_chem_comp.type
_chem_comp.name
_chem_comp.formula
EDO non-polymer 1,2-ETHANEDIOL 'C2 H6 O2'
NA non-polymer 'SODIUM ION' 'Na 1'
NH2 non-polymer 'AMINO GROUP' 'H2 N'
UNX non-polymer 'UNKNOWN ATOM OR ION' ?
ZN non-polymer 'ZINC ION' 'Zn 2'
#
# COMPACT_ATOMS: atom_id res chain seq x y z
N VAL A 3 28.20 -4.67 3.37
CA VAL A 3 26.83 -5.24 3.08
CA VAL A 3 26.82 -5.22 3.09
C VAL A 3 26.64 -5.56 1.60
N ILE A 4 26.68 -6.85 1.30
CA ILE A 4 26.46 -7.32 -0.07
C ILE A 4 24.98 -7.69 -0.15
N PRO A 5 24.25 -7.14 -1.14
CA PRO A 5 22.84 -7.52 -1.25
C PRO A 5 22.67 -9.00 -1.67
N ASN A 6 21.71 -9.71 -1.04
CA ASN A 6 21.33 -11.09 -1.42
C ASN A 6 20.68 -11.04 -2.80
N ASN A 7 20.92 -12.08 -3.62
CA ASN A 7 20.37 -12.15 -5.00
C ASN A 7 19.17 -13.11 -5.08
N TYR A 8 18.56 -13.36 -3.92
CA TYR A 8 17.31 -14.07 -3.87
C TYR A 8 16.34 -13.36 -2.95
N CYS A 9 15.07 -13.62 -3.17
CA CYS A 9 13.96 -13.09 -2.37
C CYS A 9 13.73 -13.92 -1.12
N ASP A 10 13.74 -13.27 0.05
CA ASP A 10 13.44 -13.96 1.32
C ASP A 10 12.09 -14.66 1.38
N PHE A 11 11.11 -14.19 0.64
CA PHE A 11 9.76 -14.75 0.75
C PHE A 11 9.49 -15.91 -0.19
N CYS A 12 10.04 -15.86 -1.41
CA CYS A 12 9.71 -16.85 -2.40
C CYS A 12 10.93 -17.68 -2.86
N LEU A 13 12.13 -17.19 -2.52
CA LEU A 13 13.44 -17.80 -2.86
C LEU A 13 13.82 -17.71 -4.33
N GLY A 14 13.07 -16.92 -5.09
CA GLY A 14 13.43 -16.65 -6.46
C GLY A 14 14.43 -15.50 -6.55
N GLY A 15 15.17 -15.47 -7.65
CA GLY A 15 16.04 -14.32 -7.97
C GLY A 15 15.37 -13.26 -8.82
N SER A 16 16.18 -12.40 -9.43
CA SER A 16 15.58 -11.33 -10.21
CA SER A 16 15.67 -11.31 -10.25
C SER A 16 15.03 -11.82 -11.54
N ASN A 17 15.42 -13.04 -11.95
CA ASN A 17 14.89 -13.66 -13.14
C ASN A 17 13.62 -14.45 -12.92
N MET A 18 13.19 -14.65 -11.67
CA MET A 18 11.94 -15.43 -11.43
C MET A 18 11.41 -15.22 -10.02
N ASN A 19 10.27 -14.57 -9.94
CA ASN A 19 9.48 -14.51 -8.71
C ASN A 19 8.65 -15.78 -8.70
N LYS A 20 8.84 -16.61 -7.68
CA LYS A 20 8.23 -17.96 -7.68
C LYS A 20 6.73 -17.92 -7.34
N LYS A 21 6.28 -16.81 -6.76
CA LYS A 21 4.84 -16.61 -6.52
C LYS A 21 4.09 -16.11 -7.75
N SER A 22 4.66 -15.15 -8.49
CA SER A 22 3.99 -14.62 -9.69
C SER A 22 4.38 -15.35 -11.02
N GLY A 23 5.47 -16.13 -11.00
CA GLY A 23 5.95 -16.80 -12.19
C GLY A 23 6.56 -15.87 -13.25
N ARG A 24 6.92 -14.67 -12.86
CA ARG A 24 7.53 -13.69 -13.75
C ARG A 24 8.85 -13.19 -13.16
N PRO A 25 9.81 -12.78 -14.02
CA PRO A 25 10.99 -12.07 -13.50
C PRO A 25 10.51 -10.77 -12.79
N GLU A 26 11.26 -10.37 -11.77
CA GLU A 26 11.00 -9.18 -11.03
C GLU A 26 12.27 -8.75 -10.29
N GLU A 27 12.51 -7.44 -10.25
CA GLU A 27 13.64 -6.91 -9.49
C GLU A 27 13.58 -7.25 -8.02
N LEU A 28 14.74 -7.07 -7.37
CA LEU A 28 14.88 -7.23 -5.96
C LEU A 28 15.24 -5.86 -5.35
N VAL A 29 14.70 -5.58 -4.17
CA VAL A 29 15.18 -4.49 -3.30
C VAL A 29 15.85 -5.13 -2.10
N SER A 30 16.80 -4.43 -1.50
CA SER A 30 17.63 -5.04 -0.47
CA SER A 30 17.66 -5.01 -0.48
C SER A 30 17.83 -4.10 0.74
N CYS A 31 17.88 -4.69 1.92
CA CYS A 31 18.13 -3.98 3.14
C CYS A 31 19.56 -3.39 3.21
N ALA A 32 19.66 -2.09 3.47
CA ALA A 32 20.97 -1.40 3.67
C ALA A 32 21.84 -1.93 4.86
N ASP A 33 21.17 -2.41 5.89
CA ASP A 33 21.82 -2.94 7.08
C ASP A 33 22.31 -4.37 7.00
N CYS A 34 21.51 -5.32 6.47
CA CYS A 34 21.88 -6.75 6.52
C CYS A 34 21.91 -7.49 5.17
N GLY A 35 21.42 -6.87 4.11
CA GLY A 35 21.50 -7.45 2.78
C GLY A 35 20.34 -8.37 2.40
N ARG A 36 19.40 -8.59 3.30
CA ARG A 36 18.22 -9.37 2.98
C ARG A 36 17.48 -8.70 1.85
N SER A 37 17.00 -9.50 0.90
CA SER A 37 16.32 -8.96 -0.23
C SER A 37 14.93 -9.52 -0.45
N GLY A 38 14.13 -8.77 -1.20
CA GLY A 38 12.83 -9.23 -1.60
C GLY A 38 12.32 -8.61 -2.85
N HIS A 39 11.49 -9.35 -3.54
CA HIS A 39 10.75 -8.77 -4.68
C HIS A 39 9.74 -7.78 -4.10
N PRO A 40 9.61 -6.60 -4.71
CA PRO A 40 8.58 -5.67 -4.26
C PRO A 40 7.18 -6.27 -4.12
N THR A 41 6.76 -7.14 -5.03
CA THR A 41 5.43 -7.70 -4.87
C THR A 41 5.29 -8.66 -3.70
N CYS A 42 6.36 -9.42 -3.44
CA CYS A 42 6.43 -10.33 -2.27
C CYS A 42 6.43 -9.48 -0.96
N LEU A 43 7.01 -8.28 -1.02
CA LEU A 43 7.03 -7.35 0.09
C LEU A 43 5.67 -6.61 0.23
N GLN A 44 4.76 -6.85 -0.71
CA GLN A 44 3.43 -6.21 -0.73
C GLN A 44 3.56 -4.70 -0.99
N PHE A 45 4.60 -4.27 -1.70
CA PHE A 45 4.80 -2.84 -1.98
C PHE A 45 3.94 -2.44 -3.18
N THR A 46 3.38 -1.27 -3.10
CA THR A 46 2.92 -0.53 -4.27
C THR A 46 4.12 -0.04 -5.10
N LEU A 47 3.83 0.39 -6.30
CA LEU A 47 4.83 1.02 -7.14
C LEU A 47 5.37 2.25 -6.49
N ASN A 48 4.50 3.07 -5.91
CA ASN A 48 4.94 4.29 -5.29
C ASN A 48 5.81 4.03 -4.05
N MET A 49 5.48 2.98 -3.30
CA MET A 49 6.33 2.58 -2.17
C MET A 49 7.72 2.08 -2.64
N THR A 50 7.71 1.27 -3.70
CA THR A 50 8.99 0.85 -4.33
C THR A 50 9.87 2.02 -4.74
N GLU A 51 9.27 3.02 -5.36
CA GLU A 51 9.96 4.27 -5.63
C GLU A 51 10.53 4.95 -4.39
N ALA A 52 9.72 5.03 -3.36
CA ALA A 52 10.11 5.71 -2.14
C ALA A 52 11.27 4.99 -1.45
N VAL A 53 11.26 3.65 -1.42
CA VAL A 53 12.31 2.97 -0.66
C VAL A 53 13.64 3.03 -1.38
N LYS A 54 13.59 3.38 -2.67
CA LYS A 54 14.80 3.67 -3.44
C LYS A 54 15.43 5.06 -3.18
N THR A 55 14.77 5.92 -2.41
CA THR A 55 15.27 7.24 -2.10
C THR A 55 15.94 7.33 -0.70
N TYR A 56 15.99 6.24 0.06
CA TYR A 56 16.60 6.29 1.41
C TYR A 56 17.12 4.94 1.76
N LYS A 57 17.83 4.84 2.88
CA LYS A 57 18.43 3.57 3.31
C LYS A 57 17.42 2.66 3.93
N TRP A 58 16.65 1.99 3.06
CA TRP A 58 15.56 1.14 3.48
C TRP A 58 16.06 -0.01 4.33
N GLN A 59 15.25 -0.38 5.31
CA GLN A 59 15.52 -1.49 6.21
C GLN A 59 14.46 -2.55 6.04
N CYS A 60 14.90 -3.82 6.05
CA CYS A 60 13.98 -4.98 5.98
C CYS A 60 13.17 -4.97 7.23
N ILE A 61 12.20 -5.89 7.27
CA ILE A 61 11.23 -6.01 8.36
C ILE A 61 11.96 -6.30 9.65
N GLU A 62 13.08 -7.03 9.58
CA GLU A 62 13.85 -7.42 10.80
C GLU A 62 14.78 -6.34 11.37
N CYS A 63 15.39 -5.51 10.53
CA CYS A 63 16.24 -4.43 10.98
C CYS A 63 15.47 -3.14 11.34
N LYS A 64 14.22 -3.01 10.90
CA LYS A 64 13.50 -1.72 10.89
C LYS A 64 13.62 -1.05 12.26
N SER A 65 14.12 0.19 12.28
CA SER A 65 14.21 0.94 13.52
C SER A 65 13.48 2.26 13.41
N CYS A 66 13.00 2.73 14.54
CA CYS A 66 12.22 3.91 14.60
C CYS A 66 13.09 5.06 14.17
N ILE A 67 12.57 5.87 13.26
CA ILE A 67 13.22 7.06 12.76
C ILE A 67 13.48 8.06 13.90
N LEU A 68 12.63 8.07 14.93
CA LEU A 68 12.70 9.09 15.96
C LEU A 68 13.67 8.75 17.11
N CYS A 69 13.76 7.51 17.57
CA CYS A 69 14.65 7.19 18.70
C CYS A 69 15.83 6.32 18.27
N GLY A 70 15.73 5.67 17.11
CA GLY A 70 16.80 4.86 16.54
C GLY A 70 16.87 3.39 16.95
N THR A 71 15.93 2.94 17.78
CA THR A 71 15.94 1.54 18.19
C THR A 71 14.94 0.75 17.35
N SER A 72 15.19 -0.55 17.31
CA SER A 72 14.26 -1.54 16.80
C SER A 72 13.67 -2.35 17.98
N GLU A 73 13.83 -1.88 19.22
CA GLU A 73 13.18 -2.48 20.41
C GLU A 73 11.70 -2.08 20.42
N ASN A 74 10.92 -2.67 21.33
CA ASN A 74 9.43 -2.57 21.35
C ASN A 74 8.84 -2.56 19.97
N ASP A 75 9.18 -3.58 19.21
CA ASP A 75 8.82 -3.61 17.81
C ASP A 75 7.35 -4.03 17.56
N ASP A 76 6.66 -4.40 18.62
CA ASP A 76 5.19 -4.43 18.64
C ASP A 76 4.52 -3.02 18.58
N GLN A 77 5.27 -1.96 18.92
CA GLN A 77 4.74 -0.61 18.95
C GLN A 77 5.09 0.23 17.68
N LEU A 78 5.84 -0.38 16.77
CA LEU A 78 6.21 0.27 15.51
C LEU A 78 5.05 0.31 14.52
N LEU A 79 4.79 1.50 14.00
CA LEU A 79 4.00 1.67 12.78
C LEU A 79 4.94 1.71 11.59
N PHE A 80 4.53 1.11 10.46
CA PHE A 80 5.28 1.23 9.22
C PHE A 80 4.43 2.20 8.40
N CYS A 81 5.03 3.30 7.98
CA CYS A 81 4.29 4.23 7.13
C CYS A 81 3.75 3.56 5.83
N ASP A 82 2.48 3.80 5.59
CA ASP A 82 1.83 3.21 4.40
C ASP A 82 2.33 3.80 3.08
N ASP A 83 3.03 4.94 3.10
CA ASP A 83 3.54 5.55 1.89
C ASP A 83 5.04 5.35 1.63
N CYS A 84 5.86 5.30 2.68
CA CYS A 84 7.34 5.14 2.50
C CYS A 84 8.05 3.98 3.24
N ASP A 85 7.31 3.27 4.08
CA ASP A 85 7.77 2.10 4.87
C ASP A 85 8.69 2.41 6.06
N ARG A 86 8.91 3.67 6.37
CA ARG A 86 9.69 4.02 7.54
C ARG A 86 8.95 3.63 8.82
N GLY A 87 9.71 3.23 9.83
CA GLY A 87 9.13 2.82 11.08
C GLY A 87 9.07 3.93 12.12
N TYR A 88 7.97 3.98 12.89
CA TYR A 88 7.82 4.93 14.00
C TYR A 88 7.12 4.29 15.20
N HIS A 89 7.68 4.39 16.41
CA HIS A 89 6.98 3.92 17.62
C HIS A 89 5.77 4.79 17.86
N MET A 90 4.64 4.17 18.21
CA MET A 90 3.44 4.94 18.56
C MET A 90 3.68 5.90 19.71
N TYR A 91 4.49 5.46 20.68
CA TYR A 91 4.88 6.31 21.79
C TYR A 91 5.93 7.40 21.48
N CYS A 92 6.61 7.33 20.33
CA CYS A 92 7.58 8.37 19.91
C CYS A 92 6.94 9.49 19.11
N LEU A 93 5.79 9.21 18.48
CA LEU A 93 5.03 10.23 17.76
C LEU A 93 4.57 11.34 18.73
N ASN A 94 4.41 12.53 18.19
CA ASN A 94 4.01 13.68 18.97
C ASN A 94 2.80 14.33 18.28
N PRO A 95 1.59 14.14 18.80
CA PRO A 95 1.30 13.44 20.07
C PRO A 95 1.35 11.90 19.94
N PRO A 96 1.61 11.21 21.07
CA PRO A 96 1.64 9.74 21.00
C PRO A 96 0.24 9.14 20.85
N VAL A 97 0.20 7.93 20.26
CA VAL A 97 -1.05 7.18 20.16
C VAL A 97 -0.95 5.90 20.95
N ALA A 98 -2.09 5.48 21.49
CA ALA A 98 -2.19 4.34 22.35
C ALA A 98 -2.26 3.04 21.56
N GLU A 99 -2.70 3.11 20.30
CA GLU A 99 -2.94 1.91 19.49
C GLU A 99 -2.97 2.26 18.01
N PRO A 100 -2.70 1.28 17.13
CA PRO A 100 -2.65 1.59 15.69
C PRO A 100 -3.97 2.24 15.19
N PRO A 101 -3.88 3.29 14.37
CA PRO A 101 -5.14 3.83 13.84
C PRO A 101 -5.91 2.81 12.99
N GLU A 102 -7.23 2.89 13.00
CA GLU A 102 -8.06 1.93 12.25
C GLU A 102 -7.80 2.05 10.74
N GLY A 103 -7.76 3.28 10.24
CA GLY A 103 -7.54 3.53 8.83
C GLY A 103 -6.09 3.47 8.43
N SER A 104 -5.80 3.85 7.19
CA SER A 104 -4.44 3.89 6.70
CA SER A 104 -4.43 3.89 6.70
C SER A 104 -3.66 4.93 7.54
N TRP A 105 -2.34 4.76 7.67
CA TRP A 105 -1.53 5.76 8.43
C TRP A 105 -0.23 6.00 7.70
N SER A 106 0.05 7.27 7.45
CA SER A 106 1.31 7.68 6.84
C SER A 106 1.99 8.73 7.70
N CYS A 107 3.30 8.83 7.54
CA CYS A 107 4.13 9.63 8.44
C CYS A 107 4.14 11.10 8.07
N HIS A 108 4.69 11.88 9.00
CA HIS A 108 4.76 13.33 8.86
C HIS A 108 5.55 13.77 7.64
N LEU A 109 6.62 13.04 7.32
CA LEU A 109 7.45 13.35 6.16
C LEU A 109 6.66 13.14 4.87
N CYS A 110 5.93 12.05 4.80
CA CYS A 110 5.07 11.84 3.63
C CYS A 110 3.96 12.87 3.51
N TRP A 111 3.34 13.21 4.62
CA TRP A 111 2.29 14.24 4.61
C TRP A 111 2.83 15.59 4.09
N GLU A 112 4.06 15.94 4.47
CA GLU A 112 4.65 17.24 4.07
C GLU A 112 5.00 17.29 2.57
N LEU A 113 5.10 16.15 1.91
CA LEU A 113 5.34 16.15 0.46
C LEU A 113 4.14 16.54 -0.44
N LEU A 114 3.06 17.09 0.11
CA LEU A 114 2.03 17.82 -0.67
CA THR B 2 -24.28 15.99 -12.70
C THR B 2 -24.49 15.12 -11.43
N VAL B 3 -23.43 14.48 -10.94
CA VAL B 3 -23.52 13.68 -9.71
C VAL B 3 -23.14 14.53 -8.49
N ILE B 4 -24.03 14.61 -7.51
CA ILE B 4 -23.80 15.39 -6.27
C ILE B 4 -22.97 14.58 -5.26
N PRO B 5 -21.80 15.09 -4.85
CA PRO B 5 -21.01 14.32 -3.90
C PRO B 5 -21.57 14.45 -2.51
N ASN B 6 -21.61 13.34 -1.79
CA ASN B 6 -22.06 13.37 -0.43
C ASN B 6 -21.11 14.19 0.42
N ASN B 7 -21.63 14.90 1.40
CA ASN B 7 -20.80 15.76 2.27
C ASN B 7 -20.33 15.07 3.55
N TYR B 8 -20.51 13.76 3.59
CA TYR B 8 -20.16 12.97 4.77
C TYR B 8 -19.52 11.66 4.30
N CYS B 9 -18.68 11.11 5.18
CA CYS B 9 -17.97 9.85 4.97
C CYS B 9 -18.86 8.66 5.30
N ASP B 10 -18.86 7.66 4.42
CA ASP B 10 -19.62 6.45 4.66
C ASP B 10 -19.12 5.61 5.79
N PHE B 11 -17.85 5.78 6.21
CA PHE B 11 -17.30 4.91 7.27
C PHE B 11 -17.42 5.48 8.68
N CYS B 12 -17.34 6.80 8.81
CA CYS B 12 -17.39 7.47 10.11
C CYS B 12 -18.48 8.55 10.27
N LEU B 13 -19.22 8.83 9.18
CA LEU B 13 -20.25 9.90 9.07
C LEU B 13 -19.75 11.34 9.32
N GLY B 14 -18.44 11.54 9.36
CA GLY B 14 -17.89 12.86 9.49
C GLY B 14 -17.81 13.54 8.15
N GLY B 15 -17.91 14.86 8.19
CA GLY B 15 -17.65 15.70 7.03
C GLY B 15 -16.17 15.92 6.87
N SER B 16 -15.83 16.84 5.96
CA SER B 16 -14.45 17.21 5.71
C SER B 16 -13.86 17.91 6.94
N ASN B 17 -14.70 18.53 7.74
CA ASN B 17 -14.25 19.22 8.93
C ASN B 17 -13.77 18.29 10.05
N MET B 18 -14.18 17.02 10.05
CA MET B 18 -13.75 16.09 11.12
C MET B 18 -13.92 14.60 10.76
N ASN B 19 -12.80 13.90 10.62
CA ASN B 19 -12.75 12.45 10.55
C ASN B 19 -12.95 11.98 11.99
N LYS B 20 -14.03 11.23 12.22
CA LYS B 20 -14.40 10.80 13.58
C LYS B 20 -13.61 9.62 14.03
N LYS B 21 -12.82 8.99 13.15
CA LYS B 21 -11.88 7.94 13.60
C LYS B 21 -10.58 8.56 14.10
N SER B 22 -9.95 9.36 13.24
CA SER B 22 -8.66 10.01 13.50
C SER B 22 -8.78 11.26 14.38
N GLY B 23 -9.96 11.85 14.45
CA GLY B 23 -10.16 13.05 15.24
C GLY B 23 -9.55 14.30 14.62
N ARG B 24 -9.14 14.21 13.35
CA ARG B 24 -8.60 15.35 12.60
C ARG B 24 -9.48 15.67 11.35
N PRO B 25 -9.56 16.96 10.94
CA PRO B 25 -10.12 17.29 9.61
C PRO B 25 -9.42 16.54 8.46
N GLU B 26 -10.17 16.19 7.42
CA GLU B 26 -9.66 15.43 6.31
C GLU B 26 -10.62 15.55 5.13
N GLU B 27 -10.04 15.72 3.95
CA GLU B 27 -10.76 15.82 2.68
C GLU B 27 -11.63 14.58 2.45
N LEU B 28 -12.74 14.76 1.77
CA LEU B 28 -13.54 13.62 1.27
C LEU B 28 -13.21 13.37 -0.19
N VAL B 29 -13.19 12.10 -0.60
CA VAL B 29 -13.27 11.75 -1.99
C VAL B 29 -14.63 11.10 -2.24
N SER B 30 -15.13 11.23 -3.47
CA SER B 30 -16.50 10.82 -3.82
CA SER B 30 -16.51 10.86 -3.82
C SER B 30 -16.58 10.02 -5.10
N CYS B 31 -17.43 9.01 -5.11
CA CYS B 31 -17.63 8.19 -6.29
C CYS B 31 -18.21 8.98 -7.42
N ALA B 32 -17.63 8.81 -8.60
CA ALA B 32 -18.05 9.56 -9.78
C ALA B 32 -19.49 9.20 -10.28
N ASP B 33 -19.97 8.01 -9.93
CA ASP B 33 -21.24 7.46 -10.41
C ASP B 33 -22.35 7.64 -9.39
N CYS B 34 -22.09 7.35 -8.13
CA CYS B 34 -23.16 7.42 -7.10
C CYS B 34 -23.03 8.52 -6.05
N GLY B 35 -21.87 9.18 -6.00
CA GLY B 35 -21.64 10.32 -5.12
C GLY B 35 -21.32 9.98 -3.70
N ARG B 36 -21.26 8.69 -3.35
CA ARG B 36 -20.96 8.28 -1.99
C ARG B 36 -19.50 8.62 -1.71
N SER B 37 -19.25 9.03 -0.48
CA SER B 37 -17.98 9.64 -0.12
C SER B 37 -17.29 8.95 1.03
N GLY B 38 -16.01 9.23 1.13
CA GLY B 38 -15.22 8.68 2.20
C GLY B 38 -13.96 9.49 2.41
N HIS B 39 -13.51 9.53 3.66
CA HIS B 39 -12.18 10.03 4.01
C HIS B 39 -11.19 9.04 3.45
N PRO B 40 -10.15 9.51 2.77
CA PRO B 40 -9.13 8.57 2.27
C PRO B 40 -8.60 7.55 3.34
N THR B 41 -8.32 8.04 4.53
CA THR B 41 -7.84 7.17 5.63
C THR B 41 -8.90 6.10 6.01
N CYS B 42 -10.17 6.51 6.05
CA CYS B 42 -11.30 5.56 6.20
C CYS B 42 -11.40 4.54 5.08
N LEU B 43 -11.12 4.97 3.86
CA LEU B 43 -11.04 4.09 2.71
C LEU B 43 -9.78 3.15 2.64
N GLN B 44 -8.88 3.30 3.59
CA GLN B 44 -7.57 2.63 3.64
C GLN B 44 -6.70 3.03 2.47
N PHE B 45 -6.87 4.27 2.00
CA PHE B 45 -6.09 4.76 0.89
C PHE B 45 -4.83 5.40 1.46
N THR B 46 -3.71 5.18 0.74
CA THR B 46 -2.50 5.86 1.10
C THR B 46 -2.60 7.29 0.62
N LEU B 47 -1.62 8.10 1.00
CA LEU B 47 -1.51 9.46 0.44
C LEU B 47 -1.34 9.41 -1.07
N ASN B 48 -0.54 8.47 -1.57
CA ASN B 48 -0.36 8.47 -3.03
C ASN B 48 -1.58 7.97 -3.82
N MET B 49 -2.26 6.94 -3.31
CA MET B 49 -3.56 6.54 -3.86
C MET B 49 -4.59 7.69 -3.89
N THR B 50 -4.61 8.49 -2.82
CA THR B 50 -5.51 9.65 -2.71
C THR B 50 -5.27 10.61 -3.83
N GLU B 51 -3.99 10.91 -4.08
CA GLU B 51 -3.66 11.73 -5.24
C GLU B 51 -4.08 11.08 -6.58
N ALA B 52 -3.91 9.78 -6.74
CA ALA B 52 -4.25 9.10 -8.00
C ALA B 52 -5.78 9.13 -8.25
N VAL B 53 -6.55 8.85 -7.20
CA VAL B 53 -8.03 8.78 -7.37
C VAL B 53 -8.64 10.14 -7.69
N LYS B 54 -7.92 11.21 -7.36
CA LYS B 54 -8.32 12.55 -7.80
C LYS B 54 -7.96 12.91 -9.24
N THR B 55 -7.22 12.09 -9.95
CA THR B 55 -6.88 12.35 -11.34
C THR B 55 -7.79 11.63 -12.33
N TYR B 56 -8.83 10.94 -11.87
CA TYR B 56 -9.73 10.25 -12.79
C TYR B 56 -11.07 10.06 -12.10
N LYS B 57 -12.04 9.59 -12.86
CA LYS B 57 -13.40 9.43 -12.31
C LYS B 57 -13.45 8.15 -11.47
N TRP B 58 -12.93 8.24 -10.25
CA TRP B 58 -12.85 7.10 -9.38
C TRP B 58 -14.27 6.62 -9.05
N GLN B 59 -14.41 5.31 -8.97
CA GLN B 59 -15.65 4.64 -8.62
C GLN B 59 -15.48 3.89 -7.31
N CYS B 60 -16.52 3.94 -6.46
CA CYS B 60 -16.57 3.21 -5.23
C CYS B 60 -16.71 1.73 -5.54
N ILE B 61 -16.51 0.92 -4.51
CA ILE B 61 -16.61 -0.56 -4.60
C ILE B 61 -17.94 -1.03 -5.22
N GLU B 62 -19.04 -0.34 -4.92
CA GLU B 62 -20.31 -0.73 -5.51
C GLU B 62 -20.37 -0.48 -7.00
N CYS B 63 -19.79 0.60 -7.49
CA CYS B 63 -19.98 1.00 -8.88
C CYS B 63 -18.87 0.51 -9.80
N LYS B 64 -17.81 -0.08 -9.25
CA LYS B 64 -16.62 -0.44 -10.06
C LYS B 64 -16.96 -1.28 -11.23
N SER B 65 -16.47 -0.89 -12.40
CA SER B 65 -16.50 -1.72 -13.58
CA SER B 65 -16.49 -1.76 -13.57
C SER B 65 -15.06 -2.05 -14.02
N CYS B 66 -14.86 -3.20 -14.65
CA CYS B 66 -13.58 -3.49 -15.28
C CYS B 66 -13.28 -2.42 -16.33
N ILE B 67 -12.14 -1.77 -16.15
CA ILE B 67 -11.59 -0.78 -17.10
C ILE B 67 -11.52 -1.30 -18.53
N LEU B 68 -11.19 -2.58 -18.64
CA LEU B 68 -10.81 -3.15 -19.93
C LEU B 68 -12.03 -3.51 -20.72
N CYS B 69 -12.92 -4.31 -20.16
CA CYS B 69 -14.17 -4.70 -20.92
C CYS B 69 -15.34 -3.73 -20.70
N GLY B 70 -15.27 -2.97 -19.63
CA GLY B 70 -16.30 -1.97 -19.35
C GLY B 70 -17.51 -2.46 -18.55
N THR B 71 -17.59 -3.76 -18.25
CA THR B 71 -18.77 -4.26 -17.50
C THR B 71 -18.49 -4.35 -15.98
N SER B 72 -19.55 -4.32 -15.17
CA SER B 72 -19.43 -4.70 -13.74
C SER B 72 -19.96 -6.13 -13.46
N GLU B 73 -20.13 -6.96 -14.50
CA GLU B 73 -20.37 -8.41 -14.30
C GLU B 73 -19.19 -9.04 -13.56
N ASN B 74 -19.42 -10.22 -12.99
CA ASN B 74 -18.42 -11.02 -12.25
C ASN B 74 -17.52 -10.21 -11.35
N ASP B 75 -18.14 -9.39 -10.52
CA ASP B 75 -17.42 -8.44 -9.68
C ASP B 75 -16.51 -9.12 -8.66
N ASP B 76 -16.79 -10.38 -8.33
CA ASP B 76 -15.91 -11.25 -7.54
C ASP B 76 -14.55 -11.56 -8.21
N GLN B 77 -14.46 -11.40 -9.53
CA GLN B 77 -13.21 -11.57 -10.25
C GLN B 77 -12.43 -10.26 -10.52
N LEU B 78 -12.85 -9.13 -9.97
CA LEU B 78 -12.09 -7.90 -10.13
C LEU B 78 -10.86 -7.88 -9.23
N LEU B 79 -9.68 -7.58 -9.78
CA LEU B 79 -8.51 -7.17 -9.00
C LEU B 79 -8.50 -5.68 -8.97
N PHE B 80 -8.07 -5.07 -7.85
CA PHE B 80 -8.01 -3.63 -7.79
C PHE B 80 -6.56 -3.22 -7.69
N CYS B 81 -6.17 -2.31 -8.57
CA CYS B 81 -4.78 -1.88 -8.61
C CYS B 81 -4.37 -1.26 -7.27
N ASP B 82 -3.19 -1.64 -6.78
CA ASP B 82 -2.67 -1.12 -5.50
C ASP B 82 -2.17 0.31 -5.53
N ASP B 83 -2.09 0.93 -6.71
CA ASP B 83 -1.69 2.29 -6.82
C ASP B 83 -2.79 3.25 -7.21
N CYS B 84 -3.79 2.80 -7.98
CA CYS B 84 -4.84 3.71 -8.41
C CYS B 84 -6.29 3.28 -8.13
N ASP B 85 -6.48 2.04 -7.63
CA ASP B 85 -7.81 1.48 -7.29
C ASP B 85 -8.74 1.17 -8.43
N ARG B 86 -8.24 1.24 -9.67
CA ARG B 86 -9.01 0.80 -10.81
C ARG B 86 -9.16 -0.72 -10.76
N GLY B 87 -10.31 -1.19 -11.24
CA GLY B 87 -10.64 -2.58 -11.26
C GLY B 87 -10.41 -3.22 -12.59
N TYR B 88 -9.98 -4.50 -12.54
CA TYR B 88 -9.65 -5.28 -13.71
C TYR B 88 -10.08 -6.73 -13.49
N HIS B 89 -10.92 -7.26 -14.36
CA HIS B 89 -11.20 -8.67 -14.30
C HIS B 89 -9.89 -9.49 -14.47
N MET B 90 -9.70 -10.50 -13.62
CA MET B 90 -8.56 -11.42 -13.77
C MET B 90 -8.50 -12.07 -15.17
N TYR B 91 -9.64 -12.36 -15.72
CA TYR B 91 -9.71 -12.94 -17.06
C TYR B 91 -9.51 -11.94 -18.21
N CYS B 92 -9.58 -10.64 -17.92
CA CYS B 92 -9.35 -9.58 -18.92
C CYS B 92 -7.88 -9.15 -19.00
N LEU B 93 -7.08 -9.54 -18.00
CA LEU B 93 -5.67 -9.21 -17.96
C LEU B 93 -4.89 -9.94 -19.04
N ASN B 94 -3.66 -9.50 -19.26
CA ASN B 94 -2.84 -10.00 -20.37
C ASN B 94 -1.41 -10.28 -19.88
N PRO B 95 -1.04 -11.53 -19.61
CA PRO B 95 -1.90 -12.71 -19.74
C PRO B 95 -3.00 -12.76 -18.65
N PRO B 96 -4.10 -13.49 -18.91
CA PRO B 96 -5.08 -13.59 -17.83
C PRO B 96 -4.53 -14.43 -16.67
N VAL B 97 -5.15 -14.35 -15.50
CA VAL B 97 -4.83 -15.22 -14.36
C VAL B 97 -6.07 -15.90 -13.83
N ALA B 98 -5.84 -17.08 -13.25
CA ALA B 98 -6.85 -17.95 -12.67
C ALA B 98 -7.25 -17.55 -11.27
N GLU B 99 -6.36 -16.87 -10.52
CA GLU B 99 -6.64 -16.47 -9.14
C GLU B 99 -5.86 -15.23 -8.75
N PRO B 100 -6.28 -14.53 -7.66
CA PRO B 100 -5.62 -13.27 -7.33
C PRO B 100 -4.16 -13.50 -6.93
N PRO B 101 -3.28 -12.56 -7.21
CA PRO B 101 -1.87 -12.76 -6.86
C PRO B 101 -1.71 -12.81 -5.35
N GLU B 102 -0.73 -13.54 -4.89
CA GLU B 102 -0.38 -13.54 -3.47
C GLU B 102 0.23 -12.19 -3.02
N GLY B 103 1.03 -11.58 -3.90
CA GLY B 103 1.65 -10.32 -3.62
C GLY B 103 0.82 -9.17 -4.04
N SER B 104 1.41 -8.00 -3.96
CA SER B 104 0.77 -6.82 -4.41
C SER B 104 0.74 -6.82 -5.94
N TRP B 105 -0.03 -5.92 -6.49
CA TRP B 105 -0.22 -5.86 -7.91
C TRP B 105 -0.71 -4.50 -8.28
N SER B 106 -0.07 -3.96 -9.31
CA SER B 106 -0.46 -2.68 -9.95
C SER B 106 -0.65 -2.80 -11.45
N CYS B 107 -1.49 -1.92 -11.97
CA CYS B 107 -1.97 -1.98 -13.34
C CYS B 107 -0.99 -1.33 -14.31
N HIS B 108 -1.20 -1.66 -15.56
CA HIS B 108 -0.36 -1.18 -16.68
C HIS B 108 -0.30 0.35 -16.79
N LEU B 109 -1.39 1.03 -16.44
CA LEU B 109 -1.46 2.46 -16.55
C LEU B 109 -0.53 3.09 -15.49
N CYS B 110 -0.55 2.56 -14.30
CA CYS B 110 0.35 3.02 -13.22
C CYS B 110 1.85 2.73 -13.54
N TRP B 111 2.12 1.53 -14.06
CA TRP B 111 3.50 1.25 -14.55
C TRP B 111 3.92 2.28 -15.63
N GLU B 112 3.03 2.64 -16.52
CA GLU B 112 3.36 3.62 -17.54
C GLU B 112 3.71 4.98 -16.94
N LEU B 113 2.95 5.39 -15.92
CA LEU B 113 3.19 6.67 -15.26
C LEU B 113 4.58 6.79 -14.66
N LEU B 114 5.23 5.68 -14.32
CA LEU B 114 6.63 5.71 -13.89
C LEU B 114 7.60 6.25 -14.92
N LYS B 115 7.33 5.95 -16.20
CA LYS B 115 8.24 6.19 -17.33
C LYS B 115 8.29 7.62 -17.74
N ALA C 1 -3.90 0.81 9.65
CA ALA C 1 -2.43 1.06 9.93
C ALA C 1 -1.70 -0.25 9.94
N ARG C 2 -0.39 -0.21 9.69
CA ARG C 2 0.46 -1.41 9.61
CA ARG C 2 0.47 -1.39 9.60
C ARG C 2 1.51 -1.37 10.72
N THR C 3 1.72 -2.52 11.36
CA THR C 3 2.74 -2.70 12.37
C THR C 3 3.63 -3.79 11.92
N LYS C 4 4.68 -4.05 12.71
CA LYS C 4 5.58 -5.14 12.39
C LYS C 4 4.83 -6.47 12.26
N GLN C 5 3.88 -6.67 13.18
CA GLN C 5 3.09 -7.88 13.21
C GLN C 5 2.18 -8.01 12.00
N THR C 6 1.44 -6.97 11.63
CA THR C 6 0.63 -7.10 10.40
C THR C 6 1.50 -7.27 9.14
N ALA C 7 2.67 -6.64 9.13
CA ALA C 7 3.62 -6.80 8.02
C ALA C 7 4.12 -8.26 7.85
N ARG C 8 4.63 -8.85 8.94
CA ARG C 8 4.98 -10.29 8.99
C ARG C 8 3.83 -11.21 8.51
N LYS C 9 2.63 -11.01 9.03
CA LYS C 9 1.47 -11.77 8.57
C LYS C 9 1.20 -11.54 7.08
N SER C 10 1.27 -10.30 6.64
CA SER C 10 1.00 -9.97 5.28
C SER C 10 1.95 -10.69 4.28
N THR C 11 3.24 -10.76 4.60
CA THR C 11 4.24 -11.27 3.65
C THR C 11 4.57 -12.76 3.81
N GLY C 12 4.26 -13.35 4.97
CA GLY C 12 4.67 -14.70 5.28
C GLY C 12 6.09 -14.67 5.80
N GLY C 13 6.66 -15.85 6.04
CA GLY C 13 7.93 -15.93 6.72
C GLY C 13 9.07 -15.58 5.80
OH ALY C 14 12.10 -7.83 4.39
CH ALY C 14 12.87 -8.75 4.06
CH3 ALY C 14 13.69 -8.67 2.81
NZ ALY C 14 13.08 -9.81 4.84
CE ALY C 14 12.34 -10.01 6.07
CD ALY C 14 12.49 -11.37 6.69
CG ALY C 14 11.66 -12.40 5.95
CB ALY C 14 12.19 -13.79 6.33
CA ALY C 14 11.43 -14.91 5.66
N ALY C 14 10.22 -15.26 6.39
C ALY C 14 12.34 -16.10 5.71
O ALY C 14 12.37 -16.79 6.71
N ALA C 15 13.13 -16.29 4.66
CA ALA C 15 14.19 -17.30 4.66
C ALA C 15 15.22 -17.04 5.76
N PRO C 16 15.83 -18.12 6.30
CA PRO C 16 16.98 -17.91 7.21
C PRO C 16 18.20 -17.33 6.47
N ARG C 17 19.14 -16.76 7.22
N ARG C 17 19.13 -16.73 7.19
CA ARG C 17 20.36 -16.16 6.65
CA ARG C 17 20.36 -16.23 6.59
C ARG C 17 21.38 -17.22 6.21
ZN ZN D . 9.76 -13.06 -4.11
ZN ZN E . 17.83 -6.10 7.32
ZN ZN F . 10.97 5.33 18.75
ZN ZN G . 6.25 8.03 5.22
C1 EDO H . 9.40 -0.21 -9.92
O1 EDO H . 10.72 -0.38 -10.45
C2 EDO H . 9.27 1.18 -9.32
O2 EDO H . 10.46 1.57 -8.60
UNK UNX I . -2.43 7.29 4.96
UNK UNX J . 10.60 -5.46 -11.92
UNK UNX K . -7.82 6.19 11.32
UNK UNX L . 8.62 8.26 -4.21
UNK UNX M . 6.36 -3.39 4.84
UNK UNX N . 16.69 9.95 15.34
UNK UNX O . 5.07 -12.53 0.30
UNK UNX P . 7.24 -16.76 2.60
UNK UNX Q . 16.33 -15.98 -10.97
UNK UNX R . 16.32 -0.24 -1.45
UNK UNX S . 13.12 9.85 0.94
UNK UNX T . -0.20 -3.13 -1.36
UNK UNX U . 3.07 -0.61 -0.11
UNK UNX V . 1.38 1.27 0.72
UNK UNX W . 17.20 -6.77 -9.27
UNK UNX X . 25.09 -8.90 -4.55
ZN ZN Y . -14.34 8.89 7.64
ZN ZN Z . -20.48 4.49 -6.29
ZN ZN AA . -13.22 -7.17 -17.85
ZN ZN BA . -3.28 1.54 -11.47
UNK UNX CA . -13.33 12.55 -5.48
UNK UNX DA . -24.60 15.21 1.21
NA NA EA . -5.37 -4.81 -4.82
UNK UNX FA . -7.35 11.81 9.23
UNK UNX GA . -18.83 12.69 -7.01
UNK UNX HA . -25.91 8.42 -0.85
UNK UNX IA . -10.55 -1.21 -3.15
UNK UNX JA . -9.88 -8.40 -4.95
UNK UNX KA . 2.54 -4.94 -10.39
UNK UNX LA . -25.72 5.10 -10.07
UNK UNX MA . -10.84 15.38 -2.33
UNK UNX NA . -12.43 1.96 7.87
UNK UNX OA . -12.20 11.31 -7.55
UNK UNX PA . -13.02 4.72 -14.09
UNK UNX QA . 1.98 -8.76 -20.61
UNK UNX RA . -2.89 5.55 -13.27
UNK UNX SA . -3.48 7.73 -11.53
#